data_5O55
#
_entry.id   5O55
#
_cell.length_a   60.695
_cell.length_b   60.695
_cell.length_c   63.147
_cell.angle_alpha   90.00
_cell.angle_beta   90.00
_cell.angle_gamma   120.00
#
_symmetry.space_group_name_H-M   'P 32 2 1'
#
loop_
_entity.id
_entity.type
_entity.pdbx_description
1 polymer Peregrin
2 non-polymer 'NITRATE ION'
3 non-polymer ~{N}-[(1~{S})-1-(1,5-dimethylpyrazol-4-yl)ethyl]-1-ethyl-3-methyl-2-oxidanylidene-quinoxaline-6-carboxamide
4 water water
#
_entity_poly.entity_id   1
_entity_poly.type   'polypeptide(L)'
_entity_poly.pdbx_seq_one_letter_code
;SMEMQLTPFLILLRKTLEQLQEKDTGNIFSEPVPLSEVPDYLDHIKKPMDFFTMKQNLEAYRYLNFDDFEEDFNLIVSNC
LKYNAKDTIFYRAAVRLREQGGAVLRQARRQAEKMG
;
_entity_poly.pdbx_strand_id   A
#
# COMPACT_ATOMS: atom_id res chain seq x y z
N GLU A 3 6.20 -26.09 0.57
CA GLU A 3 5.82 -24.79 0.02
C GLU A 3 7.05 -23.93 -0.28
N MET A 4 7.15 -22.76 0.35
CA MET A 4 8.23 -21.83 0.06
C MET A 4 8.97 -21.45 1.33
N GLN A 5 10.16 -20.88 1.15
CA GLN A 5 11.01 -20.46 2.24
C GLN A 5 10.75 -19.00 2.59
N LEU A 6 10.97 -18.67 3.87
CA LEU A 6 10.63 -17.35 4.38
C LEU A 6 11.53 -16.28 3.77
N THR A 7 12.84 -16.46 3.83
CA THR A 7 13.77 -15.38 3.46
C THR A 7 13.57 -14.87 2.04
N PRO A 8 13.53 -15.70 1.00
CA PRO A 8 13.30 -15.16 -0.35
C PRO A 8 11.97 -14.45 -0.47
N PHE A 9 10.95 -14.95 0.23
CA PHE A 9 9.65 -14.28 0.17
C PHE A 9 9.72 -12.88 0.75
N LEU A 10 10.39 -12.72 1.89
CA LEU A 10 10.49 -11.38 2.47
C LEU A 10 11.34 -10.46 1.61
N ILE A 11 12.40 -11.00 1.00
CA ILE A 11 13.18 -10.20 0.05
C ILE A 11 12.29 -9.69 -1.07
N LEU A 12 11.41 -10.56 -1.60
CA LEU A 12 10.50 -10.15 -2.66
C LEU A 12 9.52 -9.09 -2.18
N LEU A 13 8.95 -9.26 -0.97
CA LEU A 13 8.03 -8.26 -0.47
C LEU A 13 8.74 -6.93 -0.26
N ARG A 14 10.00 -6.95 0.20
CA ARG A 14 10.75 -5.71 0.39
C ARG A 14 10.92 -4.99 -0.94
N LYS A 15 11.31 -5.73 -1.99
CA LYS A 15 11.47 -5.15 -3.31
C LYS A 15 10.15 -4.62 -3.85
N THR A 16 9.08 -5.38 -3.65
CA THR A 16 7.77 -4.97 -4.13
C THR A 16 7.30 -3.71 -3.43
N LEU A 17 7.49 -3.65 -2.11
CA LEU A 17 7.12 -2.45 -1.38
C LEU A 17 7.89 -1.24 -1.90
N GLU A 18 9.18 -1.40 -2.17
CA GLU A 18 9.95 -0.30 -2.75
C GLU A 18 9.38 0.12 -4.10
N GLN A 19 9.00 -0.86 -4.93
CA GLN A 19 8.42 -0.52 -6.23
C GLN A 19 7.10 0.22 -6.09
N LEU A 20 6.29 -0.15 -5.11
CA LEU A 20 5.03 0.56 -4.89
C LEU A 20 5.28 1.99 -4.43
N GLN A 21 6.22 2.17 -3.50
CA GLN A 21 6.53 3.51 -3.04
C GLN A 21 7.03 4.37 -4.19
N GLU A 22 7.75 3.77 -5.15
CA GLU A 22 8.24 4.55 -6.29
C GLU A 22 7.11 5.14 -7.11
N LYS A 23 5.93 4.49 -7.11
CA LYS A 23 4.78 5.03 -7.83
C LYS A 23 4.10 6.18 -7.08
N ASP A 24 4.39 6.34 -5.79
CA ASP A 24 3.85 7.43 -4.98
C ASP A 24 4.90 8.54 -4.98
N THR A 25 4.91 9.32 -6.07
CA THR A 25 6.00 10.28 -6.26
C THR A 25 5.93 11.45 -5.29
N GLY A 26 4.73 11.83 -4.86
CA GLY A 26 4.59 12.85 -3.84
C GLY A 26 4.84 12.39 -2.43
N ASN A 27 5.03 11.08 -2.24
CA ASN A 27 5.23 10.49 -0.91
C ASN A 27 4.04 10.77 0.01
N ILE A 28 2.87 10.95 -0.57
CA ILE A 28 1.68 11.23 0.24
C ILE A 28 1.15 10.01 0.94
N PHE A 29 1.57 8.81 0.53
CA PHE A 29 1.20 7.56 1.19
C PHE A 29 2.34 6.97 2.00
N SER A 30 3.43 7.73 2.22
CA SER A 30 4.63 7.16 2.83
CA SER A 30 4.63 7.17 2.83
C SER A 30 4.50 7.03 4.34
N GLU A 31 3.68 7.86 4.97
CA GLU A 31 3.55 7.89 6.41
C GLU A 31 2.07 7.95 6.75
N PRO A 32 1.69 7.62 7.99
CA PRO A 32 0.27 7.71 8.38
C PRO A 32 -0.27 9.10 8.13
N VAL A 33 -1.54 9.16 7.73
CA VAL A 33 -2.19 10.46 7.58
C VAL A 33 -2.09 11.19 8.91
N PRO A 34 -1.60 12.42 8.95
CA PRO A 34 -1.40 13.11 10.23
C PRO A 34 -2.72 13.53 10.87
N LEU A 35 -3.10 12.85 11.97
CA LEU A 35 -4.32 13.20 12.67
C LEU A 35 -4.25 14.61 13.25
N SER A 36 -3.05 15.13 13.49
CA SER A 36 -2.91 16.51 13.94
C SER A 36 -3.53 17.48 12.93
N GLU A 37 -3.42 17.16 11.64
CA GLU A 37 -3.98 18.01 10.59
C GLU A 37 -5.30 17.49 10.02
N VAL A 38 -5.61 16.21 10.23
CA VAL A 38 -6.90 15.66 9.82
C VAL A 38 -7.59 15.09 11.05
N PRO A 39 -8.14 15.92 11.93
CA PRO A 39 -8.63 15.41 13.23
C PRO A 39 -9.82 14.48 13.14
N ASP A 40 -10.58 14.49 12.04
CA ASP A 40 -11.75 13.64 11.89
C ASP A 40 -11.45 12.35 11.13
N TYR A 41 -10.17 12.09 10.83
CA TYR A 41 -9.81 10.99 9.96
C TYR A 41 -10.28 9.65 10.51
N LEU A 42 -10.04 9.41 11.80
CA LEU A 42 -10.42 8.14 12.42
C LEU A 42 -11.92 7.99 12.61
N ASP A 43 -12.69 9.06 12.46
CA ASP A 43 -14.14 8.93 12.50
C ASP A 43 -14.67 8.21 11.27
N HIS A 44 -13.92 8.23 10.16
CA HIS A 44 -14.35 7.63 8.91
C HIS A 44 -13.53 6.42 8.50
N ILE A 45 -12.27 6.34 8.93
CA ILE A 45 -11.35 5.32 8.46
C ILE A 45 -11.07 4.36 9.62
N LYS A 46 -11.54 3.12 9.47
CA LYS A 46 -11.45 2.14 10.56
C LYS A 46 -10.02 1.63 10.72
N LYS A 47 -9.30 1.43 9.62
CA LYS A 47 -7.92 0.91 9.67
C LYS A 47 -7.03 1.75 8.76
N PRO A 48 -6.43 2.81 9.30
CA PRO A 48 -5.45 3.58 8.51
C PRO A 48 -4.30 2.69 8.05
N MET A 49 -3.74 3.04 6.89
CA MET A 49 -2.60 2.32 6.37
C MET A 49 -1.74 3.26 5.56
N ASP A 50 -0.45 2.96 5.51
CA ASP A 50 0.53 3.74 4.78
C ASP A 50 1.76 2.86 4.58
N PHE A 51 2.70 3.33 3.76
CA PHE A 51 3.81 2.46 3.39
C PHE A 51 4.82 2.26 4.52
N PHE A 52 4.99 3.24 5.41
CA PHE A 52 5.86 3.05 6.56
C PHE A 52 5.31 1.95 7.47
N THR A 53 4.00 2.00 7.75
CA THR A 53 3.38 0.95 8.54
C THR A 53 3.53 -0.41 7.85
N MET A 54 3.38 -0.45 6.52
CA MET A 54 3.58 -1.70 5.81
C MET A 54 4.99 -2.23 5.98
N LYS A 55 5.99 -1.35 5.95
CA LYS A 55 7.37 -1.78 6.16
C LYS A 55 7.55 -2.34 7.56
N GLN A 56 6.97 -1.68 8.57
CA GLN A 56 7.04 -2.21 9.93
C GLN A 56 6.37 -3.57 10.02
N ASN A 57 5.20 -3.73 9.38
CA ASN A 57 4.51 -5.02 9.42
C ASN A 57 5.34 -6.09 8.73
N LEU A 58 5.97 -5.74 7.61
CA LEU A 58 6.80 -6.69 6.87
C LEU A 58 7.92 -7.22 7.77
N GLU A 59 8.67 -6.32 8.38
CA GLU A 59 9.81 -6.72 9.21
C GLU A 59 9.37 -7.36 10.52
N ALA A 60 8.14 -7.12 10.96
CA ALA A 60 7.60 -7.81 12.12
C ALA A 60 7.04 -9.19 11.75
N TYR A 61 7.25 -9.63 10.51
CA TYR A 61 6.80 -10.94 10.04
C TYR A 61 5.27 -11.05 10.02
N ARG A 62 4.59 -9.94 9.75
CA ARG A 62 3.13 -9.94 9.70
C ARG A 62 2.56 -10.20 8.31
N TYR A 63 3.39 -10.26 7.26
CA TYR A 63 2.96 -10.65 5.91
C TYR A 63 3.65 -11.96 5.60
N LEU A 64 2.91 -13.06 5.74
CA LEU A 64 3.43 -14.38 5.42
C LEU A 64 2.78 -14.96 4.17
N ASN A 65 1.92 -14.19 3.51
CA ASN A 65 1.40 -14.58 2.21
C ASN A 65 1.20 -13.31 1.39
N PHE A 66 1.14 -13.49 0.08
CA PHE A 66 1.04 -12.33 -0.80
C PHE A 66 -0.26 -11.57 -0.58
N ASP A 67 -1.35 -12.29 -0.33
CA ASP A 67 -2.66 -11.64 -0.24
C ASP A 67 -2.75 -10.68 0.95
N ASP A 68 -2.12 -11.01 2.08
CA ASP A 68 -2.15 -10.09 3.21
C ASP A 68 -1.41 -8.81 2.91
N PHE A 69 -0.28 -8.92 2.20
CA PHE A 69 0.47 -7.75 1.77
C PHE A 69 -0.36 -6.91 0.83
N GLU A 70 -0.96 -7.54 -0.18
CA GLU A 70 -1.79 -6.82 -1.14
C GLU A 70 -3.00 -6.20 -0.47
N GLU A 71 -3.56 -6.85 0.56
CA GLU A 71 -4.71 -6.31 1.28
C GLU A 71 -4.37 -4.97 1.93
N ASP A 72 -3.17 -4.85 2.50
CA ASP A 72 -2.81 -3.59 3.15
C ASP A 72 -2.53 -2.51 2.12
N PHE A 73 -1.93 -2.88 0.98
CA PHE A 73 -1.80 -1.90 -0.09
C PHE A 73 -3.18 -1.42 -0.54
N ASN A 74 -4.12 -2.34 -0.69
CA ASN A 74 -5.46 -1.94 -1.13
C ASN A 74 -6.12 -1.01 -0.11
N LEU A 75 -5.79 -1.15 1.17
CA LEU A 75 -6.30 -0.25 2.20
C LEU A 75 -5.77 1.17 2.00
N ILE A 76 -4.48 1.33 1.67
CA ILE A 76 -3.95 2.66 1.40
C ILE A 76 -4.81 3.34 0.35
N VAL A 77 -5.11 2.61 -0.73
CA VAL A 77 -5.92 3.15 -1.82
C VAL A 77 -7.34 3.41 -1.37
N SER A 78 -8.01 2.40 -0.81
CA SER A 78 -9.43 2.53 -0.51
CA SER A 78 -9.42 2.52 -0.50
C SER A 78 -9.69 3.56 0.58
N ASN A 79 -8.80 3.67 1.56
CA ASN A 79 -9.00 4.68 2.60
C ASN A 79 -8.99 6.07 1.98
N CYS A 80 -8.09 6.29 1.03
CA CYS A 80 -7.94 7.59 0.40
C CYS A 80 -9.13 7.90 -0.50
N LEU A 81 -9.60 6.91 -1.26
CA LEU A 81 -10.81 7.10 -2.04
C LEU A 81 -12.01 7.39 -1.15
N LYS A 82 -12.09 6.71 0.01
CA LYS A 82 -13.24 6.91 0.89
C LYS A 82 -13.24 8.30 1.50
N TYR A 83 -12.08 8.74 2.01
CA TYR A 83 -12.06 9.97 2.79
C TYR A 83 -12.19 11.22 1.92
N ASN A 84 -11.56 11.21 0.76
CA ASN A 84 -11.36 12.43 -0.01
C ASN A 84 -12.39 12.55 -1.13
N ALA A 85 -12.79 13.80 -1.40
CA ALA A 85 -13.74 14.03 -2.48
C ALA A 85 -13.12 13.72 -3.84
N LYS A 86 -13.99 13.36 -4.79
CA LYS A 86 -13.51 12.94 -6.11
C LYS A 86 -12.74 14.05 -6.81
N ASP A 87 -13.05 15.31 -6.52
CA ASP A 87 -12.38 16.40 -7.23
C ASP A 87 -11.05 16.80 -6.61
N THR A 88 -10.49 16.00 -5.72
CA THR A 88 -9.22 16.36 -5.08
C THR A 88 -8.05 15.63 -5.72
N ILE A 89 -6.87 16.25 -5.60
CA ILE A 89 -5.65 15.57 -6.00
C ILE A 89 -5.48 14.25 -5.25
N PHE A 90 -5.79 14.24 -3.95
CA PHE A 90 -5.62 13.01 -3.17
C PHE A 90 -6.43 11.86 -3.77
N TYR A 91 -7.70 12.10 -4.11
CA TYR A 91 -8.51 11.03 -4.68
C TYR A 91 -7.90 10.54 -5.99
N ARG A 92 -7.51 11.47 -6.86
N ARG A 92 -7.50 11.46 -6.85
N ARG A 92 -7.51 11.47 -6.86
CA ARG A 92 -6.94 11.06 -8.14
CA ARG A 92 -6.94 11.05 -8.13
CA ARG A 92 -6.94 11.06 -8.14
C ARG A 92 -5.61 10.33 -7.95
C ARG A 92 -5.60 10.36 -7.97
C ARG A 92 -5.61 10.33 -7.95
N ALA A 93 -4.83 10.74 -6.95
CA ALA A 93 -3.58 10.04 -6.67
C ALA A 93 -3.83 8.60 -6.25
N ALA A 94 -4.90 8.35 -5.50
CA ALA A 94 -5.21 6.98 -5.13
C ALA A 94 -5.66 6.16 -6.34
N VAL A 95 -6.43 6.76 -7.26
CA VAL A 95 -6.80 6.05 -8.49
C VAL A 95 -5.55 5.67 -9.26
N ARG A 96 -4.61 6.63 -9.41
N ARG A 96 -4.62 6.62 -9.40
CA ARG A 96 -3.39 6.34 -10.15
CA ARG A 96 -3.40 6.33 -10.15
C ARG A 96 -2.57 5.27 -9.46
C ARG A 96 -2.55 5.28 -9.46
N LEU A 97 -2.49 5.33 -8.13
CA LEU A 97 -1.72 4.33 -7.39
C LEU A 97 -2.37 2.95 -7.54
N ARG A 98 -3.70 2.87 -7.50
CA ARG A 98 -4.37 1.59 -7.74
C ARG A 98 -3.96 1.01 -9.07
N GLU A 99 -3.93 1.85 -10.11
CA GLU A 99 -3.59 1.35 -11.45
C GLU A 99 -2.12 0.94 -11.52
N GLN A 100 -1.23 1.85 -11.14
CA GLN A 100 0.20 1.56 -11.28
C GLN A 100 0.63 0.49 -10.30
N GLY A 101 0.08 0.51 -9.09
CA GLY A 101 0.45 -0.49 -8.10
C GLY A 101 -0.12 -1.86 -8.41
N GLY A 102 -1.30 -1.93 -9.00
CA GLY A 102 -1.83 -3.21 -9.43
C GLY A 102 -0.90 -3.94 -10.39
N ALA A 103 -0.26 -3.19 -11.30
CA ALA A 103 0.66 -3.80 -12.25
C ALA A 103 1.93 -4.30 -11.57
N VAL A 104 2.46 -3.50 -10.63
CA VAL A 104 3.57 -3.93 -9.80
C VAL A 104 3.23 -5.22 -9.07
N LEU A 105 2.02 -5.31 -8.52
CA LEU A 105 1.64 -6.45 -7.70
C LEU A 105 1.45 -7.70 -8.53
N ARG A 106 0.88 -7.56 -9.74
CA ARG A 106 0.71 -8.73 -10.58
C ARG A 106 2.05 -9.35 -10.93
N GLN A 107 3.03 -8.52 -11.28
CA GLN A 107 4.36 -9.04 -11.59
C GLN A 107 5.02 -9.67 -10.36
N ALA A 108 4.88 -9.03 -9.20
CA ALA A 108 5.48 -9.60 -7.99
C ALA A 108 4.84 -10.92 -7.63
N ARG A 109 3.51 -11.04 -7.83
CA ARG A 109 2.84 -12.30 -7.53
C ARG A 109 3.37 -13.42 -8.41
N ARG A 110 3.63 -13.12 -9.69
N ARG A 110 3.63 -13.12 -9.69
CA ARG A 110 4.22 -14.12 -10.58
CA ARG A 110 4.22 -14.12 -10.58
C ARG A 110 5.57 -14.59 -10.04
C ARG A 110 5.57 -14.59 -10.04
N GLN A 111 6.37 -13.68 -9.50
CA GLN A 111 7.65 -14.05 -8.90
C GLN A 111 7.43 -14.94 -7.68
N ALA A 112 6.40 -14.64 -6.88
CA ALA A 112 6.14 -15.46 -5.70
C ALA A 112 5.74 -16.87 -6.10
N GLU A 113 4.94 -17.00 -7.17
CA GLU A 113 4.52 -18.31 -7.65
C GLU A 113 5.66 -19.10 -8.28
N LYS A 114 6.80 -18.47 -8.57
CA LYS A 114 7.95 -19.23 -9.05
C LYS A 114 8.65 -19.96 -7.90
N MET A 115 8.63 -19.39 -6.70
CA MET A 115 9.31 -19.98 -5.54
C MET A 115 8.76 -21.34 -5.19
#